data_2KZL
#
_entry.id   2KZL
#
_entity_poly.entity_id   1
_entity_poly.type   'polyribonucleotide'
_entity_poly.pdbx_seq_one_letter_code
;GGGAGUAAAGAUUGAGACAAGUAGGACUUCGGUCCGAAUACACUCAUGAACUCCC
;
_entity_poly.pdbx_strand_id   A
#